data_1ZPV
#
_entry.id   1ZPV
#
_cell.length_a   109.253
_cell.length_b   62.024
_cell.length_c   38.006
_cell.angle_alpha   90.00
_cell.angle_beta   95.08
_cell.angle_gamma   90.00
#
_symmetry.space_group_name_H-M   'C 1 2 1'
#
loop_
_entity.id
_entity.type
_entity.pdbx_description
1 polymer 'ACT domain protein'
2 non-polymer 'POTASSIUM ION'
3 water water
#
_entity_poly.entity_id   1
_entity_poly.type   'polypeptide(L)'
_entity_poly.pdbx_seq_one_letter_code
;SNA(MSE)KAIITVVGKDKSGIVAGVSGKIAELGLNIDDISQTVLDEYFT(MSE)(MSE)AVVSSDEKQDFTYLRNEFEA
FGQTLNVKINIQSAAIFEA(MSE)YNI
;
_entity_poly.pdbx_strand_id   A,B,C
#
loop_
_chem_comp.id
_chem_comp.type
_chem_comp.name
_chem_comp.formula
K non-polymer 'POTASSIUM ION' 'K 1'
#
# COMPACT_ATOMS: atom_id res chain seq x y z
N ASN A 2 6.56 7.78 17.12
CA ASN A 2 5.34 8.24 16.42
C ASN A 2 4.32 8.82 17.37
N ALA A 3 3.62 9.85 16.93
CA ALA A 3 2.40 10.30 17.59
C ALA A 3 1.20 9.73 16.88
N MSE A 4 1.35 9.42 15.59
CA MSE A 4 0.27 8.93 14.75
C MSE A 4 0.77 7.77 13.89
O MSE A 4 1.89 7.81 13.40
CB MSE A 4 -0.21 10.07 13.84
CG MSE A 4 -1.19 9.68 12.74
SE MSE A 4 -0.43 9.04 11.05
CE MSE A 4 -1.92 9.51 9.83
N LYS A 5 -0.08 6.76 13.69
CA LYS A 5 0.23 5.70 12.71
C LYS A 5 -1.08 5.20 12.11
N ALA A 6 -1.03 4.79 10.85
CA ALA A 6 -2.24 4.43 10.14
C ALA A 6 -1.96 3.49 8.98
N ILE A 7 -2.99 2.76 8.56
CA ILE A 7 -2.87 1.87 7.43
C ILE A 7 -3.77 2.38 6.34
N ILE A 8 -3.22 2.49 5.14
CA ILE A 8 -3.95 3.08 4.02
C ILE A 8 -4.20 1.97 3.01
N THR A 9 -5.42 1.88 2.51
CA THR A 9 -5.76 0.85 1.55
C THR A 9 -6.27 1.50 0.29
N VAL A 10 -5.76 1.05 -0.85
CA VAL A 10 -6.15 1.64 -2.14
C VAL A 10 -6.61 0.51 -3.04
N VAL A 11 -7.80 0.67 -3.62
CA VAL A 11 -8.38 -0.36 -4.50
C VAL A 11 -8.88 0.33 -5.74
N GLY A 12 -8.50 -0.20 -6.90
CA GLY A 12 -8.97 0.36 -8.14
C GLY A 12 -8.87 -0.66 -9.23
N LYS A 13 -9.16 -0.26 -10.47
CA LYS A 13 -9.03 -1.15 -11.59
C LYS A 13 -7.76 -0.95 -12.41
N ASP A 14 -7.32 0.29 -12.53
CA ASP A 14 -6.10 0.60 -13.30
C ASP A 14 -4.96 0.94 -12.35
N LYS A 15 -3.80 0.33 -12.55
CA LYS A 15 -2.61 0.61 -11.75
C LYS A 15 -1.92 1.89 -12.15
N SER A 16 -2.21 2.36 -13.36
CA SER A 16 -1.44 3.44 -13.99
C SER A 16 -1.38 4.72 -13.14
N GLY A 17 -0.16 5.14 -12.83
CA GLY A 17 0.09 6.35 -12.05
C GLY A 17 -0.40 6.36 -10.61
N ILE A 18 -0.92 5.23 -10.12
CA ILE A 18 -1.49 5.18 -8.76
C ILE A 18 -0.41 5.27 -7.67
N VAL A 19 0.67 4.51 -7.81
CA VAL A 19 1.76 4.52 -6.82
C VAL A 19 2.35 5.95 -6.67
N ALA A 20 2.62 6.61 -7.79
CA ALA A 20 3.08 8.02 -7.80
C ALA A 20 2.06 8.96 -7.18
N GLY A 21 0.79 8.82 -7.55
CA GLY A 21 -0.26 9.71 -7.02
C GLY A 21 -0.40 9.59 -5.52
N VAL A 22 -0.56 8.35 -5.05
CA VAL A 22 -0.77 8.09 -3.64
C VAL A 22 0.48 8.36 -2.80
N SER A 23 1.66 7.88 -3.21
CA SER A 23 2.90 8.27 -2.50
C SER A 23 3.14 9.79 -2.45
N GLY A 24 2.80 10.49 -3.54
CA GLY A 24 2.98 11.95 -3.59
C GLY A 24 2.03 12.65 -2.63
N LYS A 25 0.81 12.18 -2.59
CA LYS A 25 -0.19 12.66 -1.63
C LYS A 25 0.23 12.43 -0.18
N ILE A 26 0.67 11.22 0.13
CA ILE A 26 1.22 10.90 1.45
C ILE A 26 2.31 11.94 1.82
N ALA A 27 3.25 12.17 0.90
CA ALA A 27 4.34 13.12 1.12
C ALA A 27 3.84 14.58 1.25
N GLU A 28 2.82 14.93 0.45
CA GLU A 28 2.17 16.24 0.51
C GLU A 28 1.63 16.53 1.91
N LEU A 29 1.05 15.51 2.52
CA LEU A 29 0.51 15.61 3.86
C LEU A 29 1.58 15.47 4.97
N GLY A 30 2.85 15.41 4.56
CA GLY A 30 3.99 15.30 5.50
C GLY A 30 4.06 14.01 6.31
N LEU A 31 3.46 12.94 5.80
CA LEU A 31 3.46 11.62 6.49
C LEU A 31 4.64 10.78 6.04
N ASN A 32 5.19 9.97 6.96
CA ASN A 32 6.24 9.01 6.61
C ASN A 32 5.65 7.70 6.09
N ILE A 33 6.26 7.13 5.06
CA ILE A 33 5.86 5.78 4.61
C ILE A 33 6.70 4.72 5.30
N ASP A 34 6.14 4.01 6.27
CA ASP A 34 6.91 3.00 6.99
C ASP A 34 7.03 1.69 6.20
N ASP A 35 5.98 1.36 5.46
CA ASP A 35 6.01 0.19 4.55
C ASP A 35 4.96 0.38 3.48
N ILE A 36 5.15 -0.30 2.36
CA ILE A 36 4.22 -0.19 1.22
C ILE A 36 4.23 -1.50 0.44
N SER A 37 3.09 -1.83 -0.18
CA SER A 37 2.96 -3.05 -0.97
C SER A 37 1.94 -2.80 -2.04
N GLN A 38 2.11 -3.45 -3.19
CA GLN A 38 1.16 -3.28 -4.28
C GLN A 38 0.96 -4.64 -4.93
N THR A 39 -0.30 -4.94 -5.27
CA THR A 39 -0.67 -6.28 -5.79
C THR A 39 -1.73 -6.15 -6.89
N VAL A 40 -1.50 -6.72 -8.08
CA VAL A 40 -2.61 -6.97 -9.02
C VAL A 40 -3.38 -8.21 -8.50
N LEU A 41 -4.71 -8.08 -8.39
CA LEU A 41 -5.58 -9.12 -7.83
C LEU A 41 -6.80 -9.22 -8.71
N ASP A 42 -6.92 -10.34 -9.40
CA ASP A 42 -7.97 -10.51 -10.39
C ASP A 42 -7.83 -9.34 -11.39
N GLU A 43 -8.88 -8.55 -11.63
CA GLU A 43 -8.86 -7.47 -12.59
C GLU A 43 -8.52 -6.11 -11.93
N TYR A 44 -8.08 -6.16 -10.68
CA TYR A 44 -7.88 -4.96 -9.86
C TYR A 44 -6.40 -4.77 -9.49
N PHE A 45 -5.95 -3.50 -9.38
CA PHE A 45 -4.63 -3.12 -8.83
C PHE A 45 -4.88 -2.64 -7.45
N THR A 46 -4.08 -3.11 -6.49
CA THR A 46 -4.36 -2.86 -5.07
C THR A 46 -3.09 -2.40 -4.37
N MSE A 47 -3.22 -1.55 -3.37
CA MSE A 47 -2.02 -0.98 -2.77
C MSE A 47 -2.29 -0.71 -1.30
O MSE A 47 -3.36 -0.23 -0.95
CB MSE A 47 -1.63 0.29 -3.55
CG MSE A 47 -0.35 0.88 -3.19
SE MSE A 47 -0.39 2.74 -3.81
CE MSE A 47 0.22 3.44 -2.31
N MSE A 48 -1.34 -1.07 -0.43
CA MSE A 48 -1.44 -0.75 0.98
C MSE A 48 -0.17 -0.09 1.49
O MSE A 48 0.95 -0.42 1.05
CB MSE A 48 -1.77 -2.01 1.77
CG MSE A 48 -3.15 -2.55 1.46
SE MSE A 48 -3.69 -4.15 2.41
CE MSE A 48 -3.74 -3.35 4.14
N ALA A 49 -0.32 0.90 2.36
CA ALA A 49 0.85 1.58 2.96
C ALA A 49 0.60 1.79 4.47
N VAL A 50 1.63 1.60 5.28
CA VAL A 50 1.55 1.98 6.68
C VAL A 50 2.31 3.32 6.72
N VAL A 51 1.66 4.30 7.32
CA VAL A 51 2.19 5.66 7.37
C VAL A 51 2.23 6.12 8.81
N SER A 52 3.03 7.16 9.07
CA SER A 52 3.14 7.68 10.43
C SER A 52 3.58 9.15 10.42
N SER A 53 3.40 9.79 11.57
CA SER A 53 3.94 11.12 11.80
C SER A 53 4.33 11.26 13.27
N ASP A 54 5.32 12.12 13.51
CA ASP A 54 5.77 12.43 14.86
C ASP A 54 4.86 13.44 15.54
N GLU A 55 3.83 13.85 14.83
CA GLU A 55 2.84 14.79 15.38
C GLU A 55 1.44 14.23 15.23
N LYS A 56 0.55 14.61 16.15
CA LYS A 56 -0.83 14.15 16.12
C LYS A 56 -1.44 14.71 14.87
N GLN A 57 -2.35 13.95 14.25
CA GLN A 57 -2.97 14.36 13.02
C GLN A 57 -4.47 14.37 13.27
N ASP A 58 -5.20 14.86 12.28
CA ASP A 58 -6.67 14.91 12.37
C ASP A 58 -7.21 13.87 11.41
N PHE A 59 -7.62 12.70 11.92
CA PHE A 59 -8.10 11.66 11.01
C PHE A 59 -9.35 12.04 10.25
N THR A 60 -10.20 12.86 10.85
CA THR A 60 -11.36 13.36 10.13
C THR A 60 -10.95 14.00 8.81
N TYR A 61 -9.94 14.86 8.91
CA TYR A 61 -9.42 15.58 7.75
C TYR A 61 -8.76 14.60 6.77
N LEU A 62 -7.84 13.77 7.28
CA LEU A 62 -7.10 12.77 6.46
C LEU A 62 -8.00 11.84 5.69
N ARG A 63 -9.02 11.30 6.36
CA ARG A 63 -9.97 10.41 5.72
C ARG A 63 -10.69 11.07 4.53
N ASN A 64 -11.17 12.29 4.74
CA ASN A 64 -11.85 13.05 3.70
C ASN A 64 -10.90 13.43 2.57
N GLU A 65 -9.66 13.75 2.94
CA GLU A 65 -8.68 14.21 1.98
C GLU A 65 -8.27 13.03 1.07
N PHE A 66 -7.99 11.86 1.66
CA PHE A 66 -7.65 10.65 0.87
C PHE A 66 -8.81 10.17 0.02
N GLU A 67 -10.00 10.19 0.59
CA GLU A 67 -11.20 9.83 -0.13
C GLU A 67 -11.35 10.72 -1.38
N ALA A 68 -11.28 12.04 -1.17
CA ALA A 68 -11.42 12.99 -2.30
C ALA A 68 -10.32 12.81 -3.35
N PHE A 69 -9.07 12.66 -2.90
CA PHE A 69 -7.92 12.38 -3.80
C PHE A 69 -8.10 11.06 -4.60
N GLY A 70 -8.52 9.99 -3.94
CA GLY A 70 -8.81 8.70 -4.59
C GLY A 70 -9.77 8.90 -5.75
N GLN A 71 -10.84 9.64 -5.49
CA GLN A 71 -11.80 9.98 -6.54
C GLN A 71 -11.20 10.61 -7.80
N THR A 72 -10.22 11.49 -7.63
CA THR A 72 -9.55 12.11 -8.77
C THR A 72 -8.82 11.10 -9.66
N LEU A 73 -8.45 9.94 -9.08
CA LEU A 73 -7.70 8.89 -9.78
C LEU A 73 -8.50 7.64 -10.10
N ASN A 74 -9.80 7.68 -9.82
CA ASN A 74 -10.73 6.58 -10.00
C ASN A 74 -10.44 5.38 -9.11
N VAL A 75 -10.05 5.64 -7.85
CA VAL A 75 -9.74 4.56 -6.93
C VAL A 75 -10.38 4.86 -5.57
N LYS A 76 -10.58 3.82 -4.78
CA LYS A 76 -11.22 3.97 -3.49
C LYS A 76 -10.07 3.94 -2.47
N ILE A 77 -9.96 4.98 -1.62
CA ILE A 77 -8.94 5.02 -0.57
C ILE A 77 -9.52 5.11 0.84
N ASN A 78 -9.06 4.19 1.69
CA ASN A 78 -9.46 4.14 3.07
C ASN A 78 -8.21 4.39 3.92
N ILE A 79 -8.43 4.98 5.08
CA ILE A 79 -7.35 5.13 6.03
C ILE A 79 -7.91 4.72 7.38
N GLN A 80 -7.11 3.93 8.11
CA GLN A 80 -7.49 3.36 9.39
C GLN A 80 -6.42 3.73 10.39
N SER A 81 -6.77 4.34 11.54
CA SER A 81 -5.80 4.58 12.58
C SER A 81 -5.31 3.26 13.17
N ALA A 82 -4.01 3.20 13.48
CA ALA A 82 -3.39 2.03 14.06
C ALA A 82 -3.75 1.85 15.50
N ALA A 83 -4.30 2.91 16.12
CA ALA A 83 -4.84 2.89 17.48
C ALA A 83 -5.89 1.78 17.73
N ILE A 84 -6.52 1.30 16.66
CA ILE A 84 -7.47 0.19 16.70
C ILE A 84 -6.84 -1.12 17.20
N PHE A 85 -5.55 -1.31 16.91
CA PHE A 85 -4.84 -2.53 17.30
C PHE A 85 -4.01 -2.42 18.59
N GLU A 86 -3.68 -1.20 19.00
CA GLU A 86 -2.83 -0.96 20.16
C GLU A 86 -3.32 0.22 21.00
N ALA B 3 11.08 13.65 -18.25
CA ALA B 3 12.38 14.40 -18.26
C ALA B 3 13.53 13.62 -17.60
N MSE B 4 13.27 13.03 -16.46
CA MSE B 4 14.26 12.20 -15.81
C MSE B 4 13.56 10.92 -15.37
O MSE B 4 12.41 10.97 -14.90
CB MSE B 4 14.89 12.92 -14.60
CG MSE B 4 15.86 12.07 -13.77
SE MSE B 4 14.93 11.02 -12.41
CE MSE B 4 16.27 11.02 -10.98
N LYS B 5 14.22 9.79 -15.55
CA LYS B 5 13.75 8.54 -14.97
C LYS B 5 14.95 7.76 -14.50
N ALA B 6 14.79 7.06 -13.38
CA ALA B 6 15.89 6.32 -12.77
C ALA B 6 15.43 5.13 -11.96
N ILE B 7 16.35 4.21 -11.72
CA ILE B 7 16.14 3.07 -10.83
C ILE B 7 17.03 3.24 -9.63
N ILE B 8 16.44 3.13 -8.45
CA ILE B 8 17.19 3.19 -7.19
C ILE B 8 17.18 1.78 -6.59
N THR B 9 18.36 1.24 -6.26
CA THR B 9 18.47 -0.08 -5.64
C THR B 9 19.02 0.09 -4.22
N VAL B 10 18.44 -0.63 -3.28
CA VAL B 10 18.88 -0.53 -1.90
C VAL B 10 19.12 -1.92 -1.37
N VAL B 11 20.25 -2.08 -0.70
CA VAL B 11 20.64 -3.36 -0.08
C VAL B 11 21.21 -3.09 1.28
N GLY B 12 20.72 -3.84 2.27
CA GLY B 12 21.34 -3.80 3.57
C GLY B 12 20.94 -5.03 4.35
N LYS B 13 21.36 -5.10 5.61
CA LYS B 13 21.12 -6.29 6.41
C LYS B 13 19.80 -6.24 7.18
N ASP B 14 19.27 -5.03 7.34
CA ASP B 14 18.10 -4.83 8.21
C ASP B 14 17.17 -3.78 7.63
N LYS B 15 15.88 -4.09 7.53
CA LYS B 15 14.94 -3.20 6.88
C LYS B 15 14.32 -2.19 7.81
N SER B 16 14.50 -2.39 9.12
CA SER B 16 13.97 -1.44 10.12
C SER B 16 14.24 0.03 9.71
N GLY B 17 13.19 0.75 9.34
CA GLY B 17 13.28 2.18 9.06
C GLY B 17 13.72 2.50 7.66
N ILE B 18 14.05 1.47 6.89
CA ILE B 18 14.65 1.73 5.59
C ILE B 18 13.65 2.31 4.57
N VAL B 19 12.45 1.72 4.51
CA VAL B 19 11.44 2.26 3.60
C VAL B 19 11.10 3.75 3.88
N ALA B 20 10.96 4.12 5.15
CA ALA B 20 10.66 5.51 5.50
C ALA B 20 11.83 6.41 5.11
N GLY B 21 13.03 5.97 5.48
CA GLY B 21 14.24 6.75 5.17
C GLY B 21 14.39 7.02 3.68
N VAL B 22 14.37 5.96 2.90
CA VAL B 22 14.60 6.10 1.47
C VAL B 22 13.44 6.81 0.75
N SER B 23 12.19 6.45 1.07
CA SER B 23 11.05 7.10 0.38
C SER B 23 10.97 8.57 0.77
N GLY B 24 11.38 8.84 2.01
CA GLY B 24 11.47 10.21 2.54
C GLY B 24 12.54 11.05 1.84
N LYS B 25 13.71 10.45 1.63
CA LYS B 25 14.79 11.08 0.86
C LYS B 25 14.36 11.34 -0.59
N ILE B 26 13.72 10.36 -1.20
CA ILE B 26 13.18 10.54 -2.54
C ILE B 26 12.27 11.77 -2.64
N ALA B 27 11.32 11.90 -1.72
CA ALA B 27 10.41 13.04 -1.68
C ALA B 27 11.11 14.37 -1.40
N GLU B 28 12.11 14.36 -0.51
CA GLU B 28 12.91 15.54 -0.19
C GLU B 28 13.59 16.12 -1.43
N LEU B 29 13.97 15.21 -2.33
CA LEU B 29 14.61 15.56 -3.59
C LEU B 29 13.63 15.88 -4.73
N GLY B 30 12.34 15.93 -4.41
CA GLY B 30 11.30 16.25 -5.38
C GLY B 30 11.07 15.21 -6.49
N LEU B 31 11.41 13.96 -6.22
CA LEU B 31 11.29 12.89 -7.23
C LEU B 31 9.97 12.16 -6.97
N ASN B 32 9.32 11.72 -8.05
CA ASN B 32 8.15 10.85 -7.94
C ASN B 32 8.53 9.38 -7.86
N ILE B 33 7.81 8.65 -7.03
CA ILE B 33 7.94 7.18 -6.98
C ILE B 33 6.93 6.56 -7.92
N ASP B 34 7.38 6.12 -9.09
CA ASP B 34 6.47 5.48 -10.06
C ASP B 34 6.12 4.04 -9.69
N ASP B 35 7.07 3.37 -9.06
CA ASP B 35 6.89 1.95 -8.72
C ASP B 35 7.93 1.61 -7.66
N ILE B 36 7.63 0.59 -6.86
CA ILE B 36 8.45 0.22 -5.74
C ILE B 36 8.24 -1.27 -5.39
N SER B 37 9.30 -1.90 -4.88
CA SER B 37 9.24 -3.31 -4.54
C SER B 37 10.28 -3.55 -3.45
N GLN B 38 10.05 -4.55 -2.61
CA GLN B 38 11.00 -4.93 -1.56
C GLN B 38 11.06 -6.44 -1.44
N THR B 39 12.19 -6.99 -1.02
CA THR B 39 12.30 -8.41 -0.65
C THR B 39 13.30 -8.59 0.46
N VAL B 40 13.06 -9.55 1.35
CA VAL B 40 14.07 -10.15 2.24
C VAL B 40 14.83 -11.23 1.46
N LEU B 41 16.18 -11.19 1.52
CA LEU B 41 17.01 -12.11 0.74
C LEU B 41 18.23 -12.54 1.55
N ASP B 42 18.28 -13.82 1.95
CA ASP B 42 19.31 -14.30 2.86
C ASP B 42 19.28 -13.44 4.15
N GLU B 43 20.38 -12.80 4.52
CA GLU B 43 20.37 -12.00 5.75
C GLU B 43 20.09 -10.54 5.41
N TYR B 44 19.61 -10.33 4.19
CA TYR B 44 19.50 -9.01 3.60
C TYR B 44 18.08 -8.63 3.29
N PHE B 45 17.86 -7.32 3.26
CA PHE B 45 16.61 -6.72 2.80
C PHE B 45 17.02 -5.97 1.56
N THR B 46 16.16 -5.99 0.55
CA THR B 46 16.44 -5.23 -0.65
C THR B 46 15.21 -4.45 -1.06
N MSE B 47 15.41 -3.29 -1.66
CA MSE B 47 14.27 -2.63 -2.22
C MSE B 47 14.66 -1.96 -3.48
O MSE B 47 15.82 -1.62 -3.67
CB MSE B 47 13.59 -1.65 -1.23
CG MSE B 47 14.43 -0.55 -0.68
SE MSE B 47 13.39 0.89 0.23
CE MSE B 47 12.64 1.67 -1.13
N MSE B 48 13.71 -1.86 -4.39
CA MSE B 48 13.94 -1.06 -5.57
C MSE B 48 12.78 -0.12 -5.86
O MSE B 48 11.62 -0.41 -5.53
CB MSE B 48 14.26 -1.96 -6.73
CG MSE B 48 15.54 -2.81 -6.45
SE MSE B 48 16.10 -3.92 -7.87
CE MSE B 48 16.37 -2.49 -9.18
N ALA B 49 13.12 1.03 -6.42
CA ALA B 49 12.13 2.03 -6.79
C ALA B 49 12.50 2.63 -8.16
N VAL B 50 11.48 2.83 -8.97
CA VAL B 50 11.61 3.59 -10.20
C VAL B 50 11.07 4.99 -9.91
N VAL B 51 11.90 6.00 -10.19
CA VAL B 51 11.57 7.35 -9.85
C VAL B 51 11.68 8.20 -11.10
N SER B 52 11.04 9.36 -11.04
CA SER B 52 11.09 10.31 -12.12
C SER B 52 10.86 11.76 -11.65
N SER B 53 11.10 12.66 -12.58
CA SER B 53 10.82 14.08 -12.39
C SER B 53 10.56 14.72 -13.74
N ASP B 54 9.75 15.77 -13.75
CA ASP B 54 9.56 16.55 -14.98
C ASP B 54 10.68 17.53 -15.28
N GLU B 55 11.65 17.60 -14.40
CA GLU B 55 12.77 18.49 -14.58
C GLU B 55 14.04 17.68 -14.71
N LYS B 56 14.97 18.17 -15.55
CA LYS B 56 16.31 17.58 -15.63
C LYS B 56 16.94 17.54 -14.24
N GLN B 57 17.70 16.48 -14.01
CA GLN B 57 18.33 16.27 -12.71
C GLN B 57 19.84 16.07 -12.96
N ASP B 58 20.61 16.20 -11.89
CA ASP B 58 22.05 16.03 -12.01
C ASP B 58 22.39 14.70 -11.33
N PHE B 59 22.60 13.66 -12.16
CA PHE B 59 22.94 12.36 -11.60
C PHE B 59 24.22 12.31 -10.80
N THR B 60 25.18 13.18 -11.13
CA THR B 60 26.42 13.27 -10.36
C THR B 60 26.13 13.58 -8.90
N TYR B 61 25.30 14.60 -8.70
CA TYR B 61 24.85 15.03 -7.40
C TYR B 61 23.98 13.97 -6.74
N LEU B 62 22.97 13.48 -7.46
CA LEU B 62 22.08 12.42 -6.90
C LEU B 62 22.80 11.16 -6.43
N ARG B 63 23.74 10.64 -7.24
CA ARG B 63 24.48 9.46 -6.83
C ARG B 63 25.18 9.70 -5.52
N ASN B 64 25.86 10.85 -5.44
CA ASN B 64 26.60 11.18 -4.21
C ASN B 64 25.67 11.35 -3.04
N GLU B 65 24.52 12.00 -3.29
CA GLU B 65 23.56 12.27 -2.22
C GLU B 65 22.94 10.96 -1.71
N PHE B 66 22.54 10.08 -2.62
CA PHE B 66 22.00 8.80 -2.13
C PHE B 66 23.04 7.91 -1.44
N GLU B 67 24.29 8.02 -1.88
CA GLU B 67 25.35 7.20 -1.30
C GLU B 67 25.60 7.64 0.13
N ALA B 68 25.78 8.95 0.30
CA ALA B 68 25.95 9.51 1.64
C ALA B 68 24.77 9.22 2.54
N PHE B 69 23.54 9.38 2.02
CA PHE B 69 22.33 9.09 2.81
C PHE B 69 22.27 7.63 3.28
N GLY B 70 22.59 6.71 2.37
CA GLY B 70 22.69 5.26 2.64
C GLY B 70 23.58 4.92 3.82
N GLN B 71 24.75 5.55 3.89
CA GLN B 71 25.71 5.33 4.97
C GLN B 71 25.09 5.64 6.33
N THR B 72 24.32 6.72 6.40
CA THR B 72 23.60 7.11 7.62
C THR B 72 22.63 6.00 8.12
N LEU B 73 22.12 5.15 7.21
CA LEU B 73 21.18 4.08 7.54
C LEU B 73 21.80 2.69 7.43
N ASN B 74 23.11 2.62 7.17
CA ASN B 74 23.83 1.36 7.04
C ASN B 74 23.28 0.51 5.87
N VAL B 75 22.95 1.17 4.76
CA VAL B 75 22.56 0.48 3.52
C VAL B 75 23.32 1.02 2.29
N LYS B 76 23.39 0.24 1.22
CA LYS B 76 24.04 0.71 0.01
C LYS B 76 22.97 1.13 -0.96
N ILE B 77 23.00 2.39 -1.36
CA ILE B 77 22.02 2.91 -2.32
C ILE B 77 22.72 3.29 -3.63
N ASN B 78 22.25 2.73 -4.75
CA ASN B 78 22.69 3.08 -6.10
C ASN B 78 21.52 3.79 -6.76
N ILE B 79 21.83 4.73 -7.64
CA ILE B 79 20.79 5.30 -8.52
C ILE B 79 21.40 5.25 -9.90
N GLN B 80 20.62 4.72 -10.82
CA GLN B 80 21.07 4.58 -12.19
C GLN B 80 20.01 5.22 -13.08
N SER B 81 20.43 6.06 -14.03
CA SER B 81 19.51 6.63 -15.02
C SER B 81 18.85 5.54 -15.86
N ALA B 82 17.61 5.78 -16.29
CA ALA B 82 16.90 4.87 -17.19
C ALA B 82 17.64 4.71 -18.52
N ALA B 83 18.45 5.72 -18.87
CA ALA B 83 19.27 5.68 -20.11
C ALA B 83 20.18 4.45 -20.17
N ILE B 84 20.70 4.04 -19.02
CA ILE B 84 21.68 2.96 -19.01
C ILE B 84 21.07 1.58 -19.30
N PHE B 85 19.79 1.39 -19.00
CA PHE B 85 19.08 0.12 -19.27
C PHE B 85 18.54 0.02 -20.67
N GLU B 86 18.92 1.00 -21.50
CA GLU B 86 18.72 0.98 -22.94
C GLU B 86 19.32 -0.28 -23.58
N ASN C 2 -20.95 -14.02 -13.46
CA ASN C 2 -21.46 -13.83 -12.07
C ASN C 2 -22.27 -12.54 -11.80
N ALA C 3 -22.93 -12.49 -10.65
CA ALA C 3 -23.86 -11.40 -10.32
C ALA C 3 -23.35 -10.49 -9.19
N MSE C 4 -22.28 -10.94 -8.52
CA MSE C 4 -21.68 -10.18 -7.44
C MSE C 4 -20.18 -10.34 -7.57
O MSE C 4 -19.70 -11.44 -7.86
CB MSE C 4 -22.18 -10.70 -6.07
CG MSE C 4 -21.58 -10.07 -4.85
SE MSE C 4 -19.80 -10.83 -4.35
CE MSE C 4 -19.96 -10.55 -2.38
N LYS C 5 -19.45 -9.24 -7.36
CA LYS C 5 -17.99 -9.28 -7.23
C LYS C 5 -17.61 -8.24 -6.20
N ALA C 6 -16.58 -8.55 -5.40
CA ALA C 6 -16.12 -7.68 -4.33
C ALA C 6 -14.65 -7.84 -4.02
N ILE C 7 -14.09 -6.85 -3.34
CA ILE C 7 -12.71 -6.90 -2.89
C ILE C 7 -12.74 -6.82 -1.38
N ILE C 8 -12.13 -7.81 -0.72
CA ILE C 8 -12.08 -7.90 0.72
C ILE C 8 -10.68 -7.58 1.17
N THR C 9 -10.57 -6.75 2.19
CA THR C 9 -9.24 -6.42 2.68
C THR C 9 -9.23 -6.65 4.19
N VAL C 10 -8.10 -7.15 4.66
CA VAL C 10 -7.96 -7.54 6.04
C VAL C 10 -6.65 -6.99 6.61
N VAL C 11 -6.73 -6.44 7.84
CA VAL C 11 -5.59 -5.89 8.56
C VAL C 11 -5.69 -6.34 10.00
N GLY C 12 -4.58 -6.86 10.50
CA GLY C 12 -4.46 -7.16 11.92
C GLY C 12 -3.01 -7.20 12.35
N LYS C 13 -2.77 -7.50 13.62
CA LYS C 13 -1.41 -7.51 14.17
C LYS C 13 -0.68 -8.83 13.90
N ASP C 14 -1.42 -9.94 13.92
CA ASP C 14 -0.82 -11.28 13.90
C ASP C 14 -1.43 -12.09 12.80
N LYS C 15 -0.63 -12.92 12.16
CA LYS C 15 -1.15 -13.70 11.04
C LYS C 15 -1.77 -15.00 11.51
N SER C 16 -1.42 -15.44 12.73
CA SER C 16 -1.89 -16.74 13.21
C SER C 16 -3.40 -16.94 13.01
N GLY C 17 -3.78 -17.97 12.27
CA GLY C 17 -5.16 -18.34 12.06
C GLY C 17 -5.96 -17.49 11.09
N ILE C 18 -5.38 -16.40 10.60
CA ILE C 18 -6.18 -15.44 9.82
C ILE C 18 -6.60 -15.95 8.44
N VAL C 19 -5.65 -16.47 7.68
CA VAL C 19 -5.96 -17.05 6.37
C VAL C 19 -7.05 -18.12 6.46
N ALA C 20 -6.92 -19.03 7.43
CA ALA C 20 -7.95 -20.06 7.61
C ALA C 20 -9.30 -19.46 7.99
N GLY C 21 -9.29 -18.48 8.90
CA GLY C 21 -10.56 -17.93 9.41
C GLY C 21 -11.29 -17.22 8.26
N VAL C 22 -10.56 -16.38 7.54
CA VAL C 22 -11.17 -15.52 6.54
C VAL C 22 -11.59 -16.36 5.31
N SER C 23 -10.71 -17.25 4.83
CA SER C 23 -11.10 -18.14 3.70
C SER C 23 -12.30 -19.04 4.03
N GLY C 24 -12.32 -19.52 5.28
CA GLY C 24 -13.40 -20.35 5.83
C GLY C 24 -14.72 -19.58 5.89
N LYS C 25 -14.67 -18.33 6.35
CA LYS C 25 -15.87 -17.45 6.34
C LYS C 25 -16.42 -17.18 4.93
N ILE C 26 -15.51 -16.87 4.01
CA ILE C 26 -15.88 -16.67 2.59
C ILE C 26 -16.64 -17.90 2.01
N ALA C 27 -16.10 -19.11 2.26
CA ALA C 27 -16.76 -20.34 1.83
C ALA C 27 -18.13 -20.57 2.54
N GLU C 28 -18.20 -20.28 3.84
CA GLU C 28 -19.48 -20.39 4.60
C GLU C 28 -20.57 -19.51 4.00
N LEU C 29 -20.16 -18.34 3.52
CA LEU C 29 -21.06 -17.41 2.87
C LEU C 29 -21.39 -17.78 1.43
N GLY C 30 -20.83 -18.90 0.97
CA GLY C 30 -21.00 -19.43 -0.38
C GLY C 30 -20.38 -18.56 -1.46
N LEU C 31 -19.31 -17.83 -1.13
CA LEU C 31 -18.66 -16.95 -2.11
C LEU C 31 -17.43 -17.66 -2.70
N ASN C 32 -17.15 -17.40 -3.97
CA ASN C 32 -15.91 -17.87 -4.62
C ASN C 32 -14.69 -16.96 -4.36
N ILE C 33 -13.51 -17.54 -4.09
CA ILE C 33 -12.28 -16.77 -4.11
C ILE C 33 -11.64 -16.77 -5.51
N ASP C 34 -11.82 -15.68 -6.27
CA ASP C 34 -11.19 -15.55 -7.58
C ASP C 34 -9.69 -15.28 -7.51
N ASP C 35 -9.28 -14.59 -6.45
CA ASP C 35 -7.85 -14.30 -6.26
C ASP C 35 -7.62 -13.90 -4.81
N ILE C 36 -6.39 -14.09 -4.36
CA ILE C 36 -6.03 -13.82 -2.95
C ILE C 36 -4.55 -13.48 -2.89
N SER C 37 -4.19 -12.67 -1.90
CA SER C 37 -2.81 -12.36 -1.63
C SER C 37 -2.69 -11.97 -0.16
N GLN C 38 -1.51 -12.16 0.39
CA GLN C 38 -1.22 -11.79 1.78
C GLN C 38 0.16 -11.21 1.87
N THR C 39 0.34 -10.29 2.83
CA THR C 39 1.66 -9.73 3.11
C THR C 39 1.73 -9.25 4.54
N VAL C 40 2.89 -9.46 5.15
CA VAL C 40 3.29 -8.66 6.32
C VAL C 40 3.60 -7.24 5.79
N LEU C 41 3.13 -6.21 6.51
CA LEU C 41 3.28 -4.82 6.11
C LEU C 41 3.58 -4.08 7.41
N ASP C 42 4.82 -3.59 7.55
CA ASP C 42 5.28 -3.03 8.86
C ASP C 42 4.97 -4.10 9.96
N GLU C 43 4.26 -3.75 11.03
CA GLU C 43 4.04 -4.70 12.12
C GLU C 43 2.72 -5.48 11.98
N TYR C 44 2.10 -5.38 10.80
CA TYR C 44 0.74 -5.91 10.57
C TYR C 44 0.73 -7.05 9.55
N PHE C 45 -0.26 -7.94 9.68
CA PHE C 45 -0.52 -8.97 8.70
C PHE C 45 -1.68 -8.49 7.87
N THR C 46 -1.57 -8.57 6.55
CA THR C 46 -2.61 -8.08 5.68
C THR C 46 -2.96 -9.13 4.62
N MSE C 47 -4.21 -9.17 4.22
CA MSE C 47 -4.53 -10.02 3.05
C MSE C 47 -5.57 -9.30 2.25
O MSE C 47 -6.26 -8.41 2.76
CB MSE C 47 -4.96 -11.44 3.44
CG MSE C 47 -6.08 -11.53 4.36
SE MSE C 47 -6.45 -13.34 4.97
CE MSE C 47 -7.31 -13.92 3.61
N MSE C 48 -5.67 -9.67 0.99
CA MSE C 48 -6.71 -9.14 0.14
C MSE C 48 -7.23 -10.26 -0.71
O MSE C 48 -6.46 -11.18 -1.08
CB MSE C 48 -6.15 -7.98 -0.66
CG MSE C 48 -5.90 -6.74 0.22
SE MSE C 48 -5.47 -5.15 -0.80
CE MSE C 48 -5.94 -3.82 0.40
N ALA C 49 -8.54 -10.24 -0.98
CA ALA C 49 -9.18 -11.29 -1.76
C ALA C 49 -10.25 -10.68 -2.65
N VAL C 50 -10.35 -11.21 -3.85
CA VAL C 50 -11.42 -10.83 -4.75
C VAL C 50 -12.32 -12.03 -4.76
N VAL C 51 -13.60 -11.77 -4.47
CA VAL C 51 -14.59 -12.82 -4.28
C VAL C 51 -15.76 -12.53 -5.23
N SER C 52 -16.52 -13.56 -5.54
CA SER C 52 -17.70 -13.41 -6.42
C SER C 52 -18.75 -14.46 -6.11
N SER C 53 -19.95 -14.18 -6.60
CA SER C 53 -21.06 -15.12 -6.52
C SER C 53 -21.85 -15.04 -7.82
N ASP C 54 -22.51 -16.12 -8.19
CA ASP C 54 -23.48 -16.06 -9.31
C ASP C 54 -24.86 -15.54 -8.91
N GLU C 55 -25.04 -15.28 -7.61
CA GLU C 55 -26.27 -14.66 -7.10
C GLU C 55 -25.95 -13.26 -6.58
N LYS C 56 -26.92 -12.35 -6.72
CA LYS C 56 -26.79 -11.02 -6.13
C LYS C 56 -26.73 -11.19 -4.62
N GLN C 57 -25.94 -10.35 -3.97
CA GLN C 57 -25.75 -10.38 -2.53
C GLN C 57 -26.22 -9.07 -1.92
N ASP C 58 -26.26 -9.01 -0.60
CA ASP C 58 -26.69 -7.83 0.10
C ASP C 58 -25.45 -7.30 0.80
N PHE C 59 -24.83 -6.24 0.25
CA PHE C 59 -23.62 -5.69 0.85
C PHE C 59 -23.85 -5.07 2.21
N THR C 60 -25.09 -4.68 2.53
CA THR C 60 -25.36 -4.15 3.87
C THR C 60 -25.10 -5.26 4.86
N TYR C 61 -25.66 -6.42 4.61
CA TYR C 61 -25.44 -7.60 5.46
C TYR C 61 -23.98 -8.04 5.46
N LEU C 62 -23.37 -8.13 4.28
CA LEU C 62 -21.97 -8.63 4.20
C LEU C 62 -20.94 -7.75 4.93
N ARG C 63 -21.13 -6.45 4.83
CA ARG C 63 -20.22 -5.52 5.48
C ARG C 63 -20.31 -5.75 6.99
N ASN C 64 -21.55 -5.81 7.49
CA ASN C 64 -21.76 -6.06 8.92
C ASN C 64 -21.22 -7.40 9.36
N GLU C 65 -21.51 -8.43 8.58
CA GLU C 65 -21.09 -9.79 8.92
C GLU C 65 -19.56 -9.96 8.91
N PHE C 66 -18.89 -9.38 7.91
CA PHE C 66 -17.42 -9.44 7.88
C PHE C 66 -16.75 -8.66 9.02
N GLU C 67 -17.30 -7.52 9.36
CA GLU C 67 -16.78 -6.72 10.48
C GLU C 67 -17.00 -7.48 11.79
N ALA C 68 -18.17 -8.07 11.96
CA ALA C 68 -18.43 -8.86 13.17
C ALA C 68 -17.51 -10.08 13.26
N PHE C 69 -17.34 -10.80 12.15
CA PHE C 69 -16.44 -11.95 12.12
C PHE C 69 -14.98 -11.53 12.37
N GLY C 70 -14.55 -10.47 11.68
CA GLY C 70 -13.25 -9.83 11.93
C GLY C 70 -12.92 -9.59 13.40
N GLN C 71 -13.87 -9.05 14.14
CA GLN C 71 -13.70 -8.84 15.59
C GLN C 71 -13.41 -10.10 16.36
N THR C 72 -13.97 -11.25 15.94
CA THR C 72 -13.70 -12.48 16.66
C THR C 72 -12.22 -12.85 16.53
N LEU C 73 -11.58 -12.40 15.45
CA LEU C 73 -10.19 -12.75 15.17
C LEU C 73 -9.20 -11.61 15.45
N ASN C 74 -9.71 -10.48 15.97
CA ASN C 74 -8.95 -9.25 16.26
C ASN C 74 -8.37 -8.61 14.98
N VAL C 75 -9.16 -8.59 13.90
CA VAL C 75 -8.73 -8.02 12.63
C VAL C 75 -9.84 -7.12 12.07
N LYS C 76 -9.45 -6.19 11.22
CA LYS C 76 -10.42 -5.30 10.62
C LYS C 76 -10.67 -5.81 9.21
N ILE C 77 -11.92 -6.13 8.90
CA ILE C 77 -12.22 -6.62 7.54
C ILE C 77 -13.10 -5.62 6.79
N ASN C 78 -12.67 -5.22 5.60
CA ASN C 78 -13.44 -4.29 4.80
C ASN C 78 -13.91 -5.04 3.54
N ILE C 79 -15.13 -4.80 3.10
CA ILE C 79 -15.55 -5.35 1.80
C ILE C 79 -16.11 -4.23 0.92
N GLN C 80 -15.75 -4.24 -0.37
CA GLN C 80 -16.15 -3.20 -1.31
C GLN C 80 -16.72 -3.90 -2.54
N SER C 81 -17.96 -3.59 -2.93
CA SER C 81 -18.50 -4.11 -4.19
C SER C 81 -17.65 -3.56 -5.33
N ALA C 82 -17.37 -4.43 -6.30
CA ALA C 82 -16.65 -4.04 -7.53
C ALA C 82 -17.49 -3.13 -8.44
N ALA C 83 -18.81 -3.10 -8.23
CA ALA C 83 -19.72 -2.27 -9.04
C ALA C 83 -19.30 -0.80 -9.09
N ILE C 84 -18.70 -0.34 -7.99
CA ILE C 84 -18.29 1.05 -7.91
C ILE C 84 -17.25 1.44 -8.99
N PHE C 85 -16.39 0.48 -9.38
CA PHE C 85 -15.39 0.69 -10.42
C PHE C 85 -15.90 0.44 -11.86
N GLU C 86 -17.14 -0.01 -11.99
CA GLU C 86 -17.68 -0.43 -13.31
C GLU C 86 -18.81 0.47 -13.76
N ALA C 87 -19.66 0.85 -12.80
CA ALA C 87 -20.98 1.38 -13.11
C ALA C 87 -20.88 2.76 -13.74
N MSE C 88 -21.86 3.06 -14.60
CA MSE C 88 -21.96 4.37 -15.22
C MSE C 88 -22.73 5.33 -14.31
O MSE C 88 -23.55 4.86 -13.50
CB MSE C 88 -22.71 4.27 -16.57
CG MSE C 88 -22.02 3.37 -17.58
SE MSE C 88 -22.90 3.46 -19.34
CE MSE C 88 -24.73 2.98 -18.80
N TYR C 89 -22.43 6.63 -14.42
CA TYR C 89 -23.26 7.72 -13.83
C TYR C 89 -23.09 9.04 -14.60
K K D . -14.12 5.72 -6.79
#